data_9GL5
#
_entry.id   9GL5
#
_cell.length_a   107.966
_cell.length_b   107.966
_cell.length_c   86.366
_cell.angle_alpha   90.000
_cell.angle_beta   90.000
_cell.angle_gamma   120.000
#
_symmetry.space_group_name_H-M   'H 3'
#
loop_
_entity.id
_entity.type
_entity.pdbx_description
1 polymer 'ATP-binding motif-containing protein pilF'
2 non-polymer "9,9'-[(2R,3R,3aS,5S,7aR,9R,10R,10aS,12S,14aR)-3,5,10,12-tetrahydroxy-5,12-dioxidooctahydro-2H,7H-difuro[3,2-d:3',2'-j][1,3,7,9,2,8]tetraoxadiphosphacyclododecine-2,9-diyl]bis(2-amino-1,9-dihydro-6H-purin-6-one)"
3 non-polymer 'SULFATE ION'
4 non-polymer 'ACETIC ACID'
5 water water
#
_entity_poly.entity_id   1
_entity_poly.type   'polypeptide(L)'
_entity_poly.pdbx_seq_one_letter_code
;GSSGEGQKDLKLGELLLQKGWISREALEEALVEEEKTGDLLGRILVRKGLPEEALYRALAEQKGLEFLESTEGIVPDPSA
ALLLLRSDALRYGAVPIGFQNGEVEVVLSDPRHKEAVAQLLNRPARFYLALPQAWEELFRRAYPQK
;
_entity_poly.pdbx_strand_id   A,B
#
loop_
_chem_comp.id
_chem_comp.type
_chem_comp.name
_chem_comp.formula
ACY non-polymer 'ACETIC ACID' 'C2 H4 O2'
C2E non-polymer 9,9'-[(2R,3R,3aS,5S,7aR,9R,10R,10aS,12S,14aR)-3,5,10,12-tetrahydroxy-5,12-dioxidooctahydro-2H,7H-difuro[3,2-d:3',2'-j][1,3,7,9,2,8]tetraoxadiphosphacyclododecine-2,9-diyl]bis(2-amino-1,9-dihydro-6H-purin-6-one) 'C20 H24 N10 O14 P2'
SO4 non-polymer 'SULFATE ION' 'O4 S -2'
#
# COMPACT_ATOMS: atom_id res chain seq x y z
N ASP A 9 -5.00 -6.56 -9.82
CA ASP A 9 -4.00 -7.28 -9.03
C ASP A 9 -3.48 -8.52 -9.77
N LEU A 10 -2.16 -8.66 -9.82
CA LEU A 10 -1.52 -9.77 -10.52
C LEU A 10 -1.36 -10.98 -9.60
N LYS A 11 -1.46 -12.17 -10.19
CA LYS A 11 -1.11 -13.37 -9.47
C LYS A 11 0.40 -13.43 -9.26
N LEU A 12 0.83 -14.30 -8.34
CA LEU A 12 2.26 -14.36 -8.01
C LEU A 12 3.10 -14.64 -9.25
N GLY A 13 2.68 -15.63 -10.06
CA GLY A 13 3.46 -15.99 -11.23
C GLY A 13 3.65 -14.84 -12.19
N GLU A 14 2.55 -14.13 -12.48
CA GLU A 14 2.60 -12.98 -13.38
C GLU A 14 3.53 -11.91 -12.84
N LEU A 15 3.48 -11.68 -11.52
CA LEU A 15 4.34 -10.71 -10.85
C LEU A 15 5.81 -11.04 -11.09
N LEU A 16 6.20 -12.28 -10.80
CA LEU A 16 7.59 -12.69 -11.00
C LEU A 16 8.00 -12.63 -12.46
N LEU A 17 7.08 -12.98 -13.36
CA LEU A 17 7.35 -12.85 -14.80
C LEU A 17 7.62 -11.39 -15.15
N GLN A 18 6.76 -10.49 -14.67
CA GLN A 18 6.93 -9.07 -14.92
C GLN A 18 8.23 -8.53 -14.35
N LYS A 19 8.70 -9.11 -13.25
CA LYS A 19 9.97 -8.67 -12.66
C LYS A 19 11.18 -9.35 -13.28
N GLY A 20 10.97 -10.30 -14.19
CA GLY A 20 12.07 -11.01 -14.82
C GLY A 20 12.82 -11.96 -13.92
N TRP A 21 12.20 -12.43 -12.84
CA TRP A 21 12.87 -13.36 -11.93
C TRP A 21 12.52 -14.82 -12.21
N ILE A 22 11.54 -15.08 -13.09
CA ILE A 22 11.29 -16.41 -13.64
C ILE A 22 10.98 -16.27 -15.12
N SER A 23 11.22 -17.35 -15.86
CA SER A 23 10.83 -17.41 -17.26
C SER A 23 9.41 -17.96 -17.37
N ARG A 24 8.85 -17.86 -18.58
CA ARG A 24 7.50 -18.38 -18.78
C ARG A 24 7.48 -19.90 -18.73
N GLU A 25 8.53 -20.55 -19.25
CA GLU A 25 8.61 -22.00 -19.17
C GLU A 25 8.74 -22.47 -17.72
N ALA A 26 9.53 -21.76 -16.91
CA ALA A 26 9.64 -22.10 -15.49
C ALA A 26 8.29 -21.94 -14.80
N LEU A 27 7.57 -20.87 -15.12
CA LEU A 27 6.22 -20.69 -14.54
C LEU A 27 5.28 -21.80 -15.00
N GLU A 28 5.29 -22.12 -16.29
CA GLU A 28 4.37 -23.14 -16.78
C GLU A 28 4.69 -24.51 -16.21
N GLU A 29 5.99 -24.82 -16.10
CA GLU A 29 6.38 -26.06 -15.44
C GLU A 29 5.90 -26.09 -13.99
N ALA A 30 6.04 -24.97 -13.27
CA ALA A 30 5.59 -24.93 -11.89
C ALA A 30 4.08 -25.08 -11.80
N LEU A 31 3.34 -24.38 -12.67
CA LEU A 31 1.89 -24.43 -12.63
C LEU A 31 1.34 -25.79 -13.03
N VAL A 32 2.01 -26.49 -13.95
CA VAL A 32 1.56 -27.83 -14.30
C VAL A 32 1.80 -28.78 -13.13
N GLU A 33 2.96 -28.66 -12.49
CA GLU A 33 3.22 -29.46 -11.28
C GLU A 33 2.22 -29.13 -10.18
N GLU A 34 1.91 -27.84 -10.00
CA GLU A 34 1.00 -27.45 -8.94
C GLU A 34 -0.38 -28.07 -9.16
N GLU A 35 -0.85 -28.06 -10.41
CA GLU A 35 -2.10 -28.75 -10.72
C GLU A 35 -2.02 -30.23 -10.39
N LYS A 36 -0.83 -30.81 -10.46
CA LYS A 36 -0.65 -32.21 -10.13
C LYS A 36 -0.27 -32.46 -8.68
N THR A 37 0.03 -31.42 -7.90
CA THR A 37 0.51 -31.68 -6.54
C THR A 37 -0.28 -30.92 -5.46
N GLY A 38 -0.84 -29.77 -5.81
CA GLY A 38 -1.49 -28.94 -4.83
C GLY A 38 -0.57 -28.06 -3.99
N ASP A 39 0.75 -28.19 -4.14
CA ASP A 39 1.69 -27.38 -3.37
C ASP A 39 1.53 -25.91 -3.72
N LEU A 40 1.90 -25.06 -2.76
CA LEU A 40 1.96 -23.62 -3.00
C LEU A 40 2.89 -23.32 -4.17
N LEU A 41 2.48 -22.37 -5.01
CA LEU A 41 3.25 -22.04 -6.21
C LEU A 41 4.65 -21.56 -5.85
N GLY A 42 4.73 -20.59 -4.93
CA GLY A 42 6.03 -20.11 -4.49
C GLY A 42 6.93 -21.21 -3.98
N ARG A 43 6.36 -22.17 -3.24
CA ARG A 43 7.18 -23.30 -2.79
C ARG A 43 7.76 -24.07 -3.97
N ILE A 44 6.95 -24.28 -5.01
CA ILE A 44 7.41 -25.02 -6.18
C ILE A 44 8.46 -24.22 -6.93
N LEU A 45 8.23 -22.92 -7.11
CA LEU A 45 9.20 -22.08 -7.82
C LEU A 45 10.54 -22.10 -7.12
N VAL A 46 10.54 -21.99 -5.79
CA VAL A 46 11.79 -21.97 -5.02
C VAL A 46 12.49 -23.32 -5.13
N ARG A 47 11.73 -24.42 -5.00
CA ARG A 47 12.33 -25.74 -5.16
C ARG A 47 13.03 -25.88 -6.52
N LYS A 48 12.56 -25.17 -7.53
CA LYS A 48 13.11 -25.30 -8.88
C LYS A 48 14.17 -24.24 -9.17
N GLY A 49 14.52 -23.40 -8.21
CA GLY A 49 15.64 -22.49 -8.37
C GLY A 49 15.34 -21.02 -8.15
N LEU A 50 14.10 -20.60 -7.93
CA LEU A 50 13.84 -19.19 -7.66
C LEU A 50 14.45 -18.85 -6.30
N PRO A 51 15.23 -17.78 -6.18
CA PRO A 51 15.71 -17.37 -4.85
C PRO A 51 14.53 -17.07 -3.96
N GLU A 52 14.57 -17.61 -2.74
CA GLU A 52 13.47 -17.37 -1.79
C GLU A 52 13.25 -15.87 -1.55
N GLU A 53 14.31 -15.06 -1.62
CA GLU A 53 14.11 -13.63 -1.46
C GLU A 53 13.38 -13.02 -2.64
N ALA A 54 13.60 -13.55 -3.84
CA ALA A 54 12.77 -13.13 -4.98
C ALA A 54 11.30 -13.40 -4.70
N LEU A 55 11.00 -14.58 -4.15
CA LEU A 55 9.63 -14.93 -3.78
C LEU A 55 9.06 -13.94 -2.77
N TYR A 56 9.80 -13.65 -1.70
CA TYR A 56 9.22 -12.79 -0.66
C TYR A 56 9.08 -11.36 -1.14
N ARG A 57 9.98 -10.89 -1.99
CA ARG A 57 9.84 -9.54 -2.53
C ARG A 57 8.57 -9.40 -3.36
N ALA A 58 8.31 -10.38 -4.25
CA ALA A 58 7.08 -10.34 -5.05
C ALA A 58 5.84 -10.50 -4.17
N LEU A 59 5.89 -11.42 -3.20
CA LEU A 59 4.75 -11.60 -2.29
C LEU A 59 4.49 -10.34 -1.48
N ALA A 60 5.56 -9.63 -1.10
CA ALA A 60 5.41 -8.37 -0.39
C ALA A 60 4.70 -7.33 -1.25
N GLU A 61 5.18 -7.14 -2.48
CA GLU A 61 4.55 -6.17 -3.38
C GLU A 61 3.10 -6.55 -3.70
N GLN A 62 2.79 -7.85 -3.76
CA GLN A 62 1.43 -8.28 -4.06
C GLN A 62 0.45 -7.89 -2.95
N LYS A 63 0.86 -8.03 -1.68
CA LYS A 63 0.01 -7.70 -0.54
C LYS A 63 0.23 -6.29 -0.02
N GLY A 64 0.93 -5.44 -0.77
CA GLY A 64 1.20 -4.09 -0.32
C GLY A 64 2.02 -4.01 0.94
N LEU A 65 2.95 -4.93 1.14
CA LEU A 65 3.83 -4.95 2.29
C LEU A 65 5.21 -4.44 1.92
N GLU A 66 5.84 -3.76 2.87
CA GLU A 66 7.23 -3.37 2.70
C GLU A 66 8.12 -4.57 2.98
N PHE A 67 8.97 -4.95 2.04
CA PHE A 67 9.87 -6.06 2.31
C PHE A 67 11.01 -5.54 3.17
N LEU A 68 11.31 -6.26 4.24
CA LEU A 68 12.38 -5.87 5.15
C LEU A 68 13.60 -6.69 4.81
N GLU A 69 14.64 -6.00 4.32
CA GLU A 69 15.85 -6.68 3.90
C GLU A 69 16.55 -7.31 5.10
N SER A 70 16.41 -6.72 6.27
CA SER A 70 17.03 -7.24 7.48
C SER A 70 16.14 -6.86 8.66
N THR A 71 16.17 -7.69 9.73
CA THR A 71 15.55 -7.31 10.99
C THR A 71 16.58 -7.03 12.08
N GLU A 72 17.86 -7.03 11.72
CA GLU A 72 18.92 -6.94 12.72
C GLU A 72 18.98 -5.56 13.37
N GLY A 73 18.64 -4.52 12.63
CA GLY A 73 18.67 -3.19 13.22
C GLY A 73 17.48 -2.83 14.08
N ILE A 74 16.52 -3.73 14.23
CA ILE A 74 15.27 -3.43 14.92
C ILE A 74 15.46 -3.71 16.41
N VAL A 75 15.21 -2.69 17.24
CA VAL A 75 15.06 -2.88 18.68
C VAL A 75 13.56 -2.89 18.99
N PRO A 76 12.97 -4.05 19.27
CA PRO A 76 11.50 -4.09 19.43
C PRO A 76 11.08 -3.25 20.64
N ASP A 77 10.05 -2.45 20.44
CA ASP A 77 9.47 -1.64 21.51
C ASP A 77 8.62 -2.53 22.43
N PRO A 78 8.96 -2.66 23.71
CA PRO A 78 8.13 -3.51 24.59
C PRO A 78 6.67 -3.09 24.65
N SER A 79 6.39 -1.78 24.53
CA SER A 79 5.02 -1.29 24.53
C SER A 79 4.22 -1.90 23.38
N ALA A 80 4.81 -1.94 22.18
CA ALA A 80 4.12 -2.48 21.04
C ALA A 80 3.93 -3.99 21.14
N ALA A 81 4.90 -4.69 21.72
CA ALA A 81 4.80 -6.14 21.83
C ALA A 81 3.62 -6.56 22.69
N LEU A 82 3.23 -5.70 23.65
CA LEU A 82 2.09 -5.96 24.51
C LEU A 82 0.79 -6.10 23.73
N LEU A 83 0.72 -5.52 22.52
CA LEU A 83 -0.53 -5.56 21.74
C LEU A 83 -0.90 -6.95 21.27
N LEU A 84 0.02 -7.90 21.35
CA LEU A 84 -0.29 -9.29 21.04
C LEU A 84 0.32 -10.19 22.09
N LEU A 85 -0.47 -11.12 22.60
CA LEU A 85 0.08 -12.22 23.37
C LEU A 85 1.13 -12.95 22.54
N ARG A 86 2.18 -13.43 23.23
CA ARG A 86 3.24 -14.15 22.53
C ARG A 86 2.69 -15.29 21.70
N SER A 87 1.75 -16.06 22.27
CA SER A 87 1.18 -17.19 21.56
C SER A 87 0.46 -16.74 20.29
N ASP A 88 -0.13 -15.55 20.30
CA ASP A 88 -0.75 -15.00 19.09
C ASP A 88 0.31 -14.50 18.10
N ALA A 89 1.30 -13.75 18.58
CA ALA A 89 2.39 -13.32 17.71
C ALA A 89 2.98 -14.52 16.98
N LEU A 90 3.11 -15.66 17.67
CA LEU A 90 3.66 -16.87 17.06
C LEU A 90 2.70 -17.44 16.00
N ARG A 91 1.46 -17.73 16.40
CA ARG A 91 0.55 -18.42 15.48
C ARG A 91 0.17 -17.54 14.29
N TYR A 92 0.06 -16.23 14.48
CA TYR A 92 -0.20 -15.35 13.35
C TYR A 92 1.07 -14.97 12.60
N GLY A 93 2.24 -15.28 13.14
CA GLY A 93 3.50 -14.84 12.55
C GLY A 93 3.60 -13.33 12.44
N ALA A 94 3.29 -12.60 13.51
CA ALA A 94 3.29 -11.15 13.51
C ALA A 94 4.07 -10.63 14.71
N VAL A 95 5.03 -9.75 14.46
CA VAL A 95 5.76 -9.10 15.55
C VAL A 95 5.49 -7.60 15.53
N PRO A 96 4.69 -7.07 16.47
CA PRO A 96 4.61 -5.61 16.63
C PRO A 96 5.91 -5.09 17.20
N ILE A 97 6.52 -4.12 16.53
CA ILE A 97 7.87 -3.68 16.87
C ILE A 97 7.94 -2.24 17.33
N GLY A 98 6.90 -1.44 17.13
CA GLY A 98 6.98 -0.03 17.45
C GLY A 98 5.82 0.73 16.84
N PHE A 99 5.88 2.05 16.98
CA PHE A 99 4.79 2.92 16.58
C PHE A 99 5.31 4.03 15.69
N GLN A 100 4.50 4.42 14.71
CA GLN A 100 4.86 5.53 13.81
C GLN A 100 3.58 6.26 13.45
N ASN A 101 3.52 7.56 13.74
CA ASN A 101 2.35 8.39 13.45
C ASN A 101 1.05 7.70 13.89
N GLY A 102 1.06 7.18 15.11
CA GLY A 102 -0.16 6.56 15.59
C GLY A 102 -0.56 5.27 14.91
N GLU A 103 0.35 4.67 14.13
CA GLU A 103 0.13 3.33 13.61
C GLU A 103 1.11 2.39 14.28
N VAL A 104 0.70 1.14 14.49
CA VAL A 104 1.62 0.13 14.98
C VAL A 104 2.31 -0.53 13.78
N GLU A 105 3.62 -0.71 13.91
CA GLU A 105 4.42 -1.35 12.89
C GLU A 105 4.52 -2.82 13.22
N VAL A 106 4.24 -3.67 12.24
CA VAL A 106 4.09 -5.10 12.48
C VAL A 106 4.84 -5.84 11.39
N VAL A 107 5.69 -6.78 11.79
CA VAL A 107 6.49 -7.56 10.85
C VAL A 107 5.87 -8.95 10.74
N LEU A 108 5.37 -9.27 9.54
CA LEU A 108 4.76 -10.56 9.25
C LEU A 108 5.77 -11.55 8.68
N SER A 109 5.53 -12.83 8.95
CA SER A 109 6.27 -13.93 8.37
C SER A 109 5.65 -14.47 7.08
N ASP A 110 4.39 -14.17 6.82
CA ASP A 110 3.61 -14.72 5.71
C ASP A 110 2.60 -13.67 5.32
N PRO A 111 2.66 -13.17 4.08
CA PRO A 111 1.71 -12.13 3.65
C PRO A 111 0.27 -12.60 3.66
N ARG A 112 0.03 -13.91 3.53
CA ARG A 112 -1.35 -14.41 3.59
C ARG A 112 -2.00 -14.14 4.93
N HIS A 113 -1.22 -13.80 5.96
CA HIS A 113 -1.79 -13.53 7.28
C HIS A 113 -2.09 -12.06 7.53
N LYS A 114 -1.80 -11.19 6.58
CA LYS A 114 -1.98 -9.76 6.84
C LYS A 114 -3.41 -9.42 7.26
N GLU A 115 -4.40 -9.97 6.55
CA GLU A 115 -5.78 -9.60 6.87
C GLU A 115 -6.18 -10.13 8.24
N ALA A 116 -5.83 -11.39 8.55
CA ALA A 116 -6.22 -11.94 9.84
C ALA A 116 -5.64 -11.13 10.96
N VAL A 117 -4.38 -10.72 10.82
CA VAL A 117 -3.69 -9.91 11.82
C VAL A 117 -4.29 -8.51 11.89
N ALA A 118 -4.55 -7.88 10.73
CA ALA A 118 -5.09 -6.53 10.74
C ALA A 118 -6.46 -6.48 11.42
N GLN A 119 -7.29 -7.49 11.19
CA GLN A 119 -8.60 -7.54 11.84
C GLN A 119 -8.45 -7.67 13.34
N LEU A 120 -7.53 -8.53 13.77
CA LEU A 120 -7.29 -8.71 15.19
C LEU A 120 -6.82 -7.42 15.84
N LEU A 121 -5.81 -6.78 15.24
CA LEU A 121 -5.23 -5.58 15.85
C LEU A 121 -6.26 -4.47 15.96
N ASN A 122 -7.15 -4.37 14.98
CA ASN A 122 -8.27 -3.44 15.02
C ASN A 122 -7.81 -2.00 15.24
N ARG A 123 -6.74 -1.62 14.56
CA ARG A 123 -6.22 -0.27 14.68
C ARG A 123 -5.30 -0.02 13.50
N PRO A 124 -5.04 1.24 13.17
CA PRO A 124 -4.11 1.52 12.07
C PRO A 124 -2.78 0.83 12.30
N ALA A 125 -2.25 0.22 11.24
CA ALA A 125 -1.03 -0.58 11.29
C ALA A 125 -0.28 -0.46 9.97
N ARG A 126 1.06 -0.55 10.07
CA ARG A 126 1.97 -0.58 8.94
C ARG A 126 2.59 -1.98 8.90
N PHE A 127 2.41 -2.69 7.79
CA PHE A 127 2.86 -4.08 7.74
C PHE A 127 4.14 -4.24 6.92
N TYR A 128 5.05 -5.06 7.44
CA TYR A 128 6.29 -5.42 6.78
C TYR A 128 6.33 -6.94 6.60
N LEU A 129 7.14 -7.39 5.66
CA LEU A 129 7.37 -8.82 5.46
C LEU A 129 8.85 -9.10 5.62
N ALA A 130 9.18 -10.16 6.35
CA ALA A 130 10.57 -10.57 6.53
C ALA A 130 10.72 -12.05 6.20
N LEU A 131 11.93 -12.40 5.71
CA LEU A 131 12.31 -13.78 5.44
C LEU A 131 12.19 -14.60 6.71
N PRO A 132 12.04 -15.93 6.57
CA PRO A 132 11.80 -16.76 7.77
C PRO A 132 12.83 -16.60 8.86
N GLN A 133 14.13 -16.73 8.54
CA GLN A 133 15.14 -16.65 9.58
C GLN A 133 15.15 -15.27 10.22
N ALA A 134 15.08 -14.21 9.40
CA ALA A 134 15.04 -12.86 9.95
C ALA A 134 13.82 -12.67 10.83
N TRP A 135 12.67 -13.21 10.42
CA TRP A 135 11.47 -13.08 11.24
C TRP A 135 11.65 -13.77 12.58
N GLU A 136 12.12 -15.02 12.57
CA GLU A 136 12.29 -15.75 13.82
C GLU A 136 13.26 -15.04 14.75
N GLU A 137 14.36 -14.50 14.22
CA GLU A 137 15.29 -13.74 15.06
C GLU A 137 14.58 -12.57 15.72
N LEU A 138 13.75 -11.85 14.97
CA LEU A 138 13.05 -10.70 15.52
C LEU A 138 12.03 -11.13 16.56
N PHE A 139 11.33 -12.24 16.30
CA PHE A 139 10.32 -12.74 17.22
C PHE A 139 10.94 -13.09 18.56
N ARG A 140 12.07 -13.81 18.54
CA ARG A 140 12.70 -14.24 19.78
C ARG A 140 13.19 -13.04 20.59
N ARG A 141 13.68 -12.00 19.93
CA ARG A 141 14.08 -10.79 20.63
C ARG A 141 12.88 -10.05 21.20
N ALA A 142 11.77 -10.04 20.47
CA ALA A 142 10.57 -9.35 20.95
C ALA A 142 9.80 -10.16 21.99
N TYR A 143 9.85 -11.49 21.92
CA TYR A 143 9.08 -12.36 22.81
C TYR A 143 9.96 -13.46 23.39
N PRO A 144 10.87 -13.12 24.31
CA PRO A 144 11.61 -14.17 25.03
C PRO A 144 10.66 -15.14 25.71
N GLN A 145 11.08 -16.40 25.77
CA GLN A 145 10.24 -17.47 26.30
C GLN A 145 10.39 -17.61 27.81
N ASP B 9 7.32 7.41 4.32
CA ASP B 9 8.75 7.41 4.66
C ASP B 9 9.59 8.23 3.68
N LEU B 10 8.95 9.09 2.87
CA LEU B 10 9.69 9.88 1.89
C LEU B 10 8.87 11.12 1.54
N LYS B 11 9.52 12.28 1.53
CA LYS B 11 8.84 13.53 1.25
C LYS B 11 8.57 13.68 -0.24
N LEU B 12 7.49 14.39 -0.56
CA LEU B 12 7.10 14.59 -1.95
C LEU B 12 8.25 15.15 -2.77
N GLY B 13 8.92 16.19 -2.26
CA GLY B 13 10.02 16.79 -3.00
C GLY B 13 11.10 15.79 -3.36
N GLU B 14 11.51 14.99 -2.38
CA GLU B 14 12.58 14.03 -2.60
C GLU B 14 12.15 12.89 -3.51
N LEU B 15 10.85 12.59 -3.53
CA LEU B 15 10.38 11.54 -4.43
C LEU B 15 10.42 12.00 -5.89
N LEU B 16 10.03 13.26 -6.14
CA LEU B 16 10.09 13.78 -7.49
C LEU B 16 11.54 13.95 -7.94
N LEU B 17 12.40 14.39 -7.03
CA LEU B 17 13.81 14.57 -7.34
C LEU B 17 14.45 13.23 -7.72
N GLN B 18 14.21 12.20 -6.92
CA GLN B 18 14.75 10.88 -7.22
C GLN B 18 14.26 10.37 -8.57
N LYS B 19 12.98 10.60 -8.88
CA LYS B 19 12.45 10.21 -10.18
C LYS B 19 13.08 10.97 -11.34
N GLY B 20 13.60 12.18 -11.08
CA GLY B 20 14.21 12.99 -12.11
C GLY B 20 13.33 14.04 -12.73
N TRP B 21 12.15 14.31 -12.16
CA TRP B 21 11.25 15.33 -12.67
C TRP B 21 11.68 16.75 -12.33
N ILE B 22 12.45 16.92 -11.26
CA ILE B 22 12.91 18.22 -10.81
C ILE B 22 14.38 18.11 -10.48
N SER B 23 15.11 19.23 -10.59
CA SER B 23 16.49 19.26 -10.17
C SER B 23 16.58 19.56 -8.66
N ARG B 24 17.77 19.34 -8.10
CA ARG B 24 17.99 19.68 -6.70
C ARG B 24 17.79 21.17 -6.47
N GLU B 25 18.36 22.00 -7.35
CA GLU B 25 18.17 23.44 -7.26
C GLU B 25 16.69 23.82 -7.38
N ALA B 26 15.95 23.12 -8.24
CA ALA B 26 14.51 23.40 -8.38
C ALA B 26 13.75 23.12 -7.09
N LEU B 27 14.03 21.98 -6.45
CA LEU B 27 13.35 21.66 -5.21
C LEU B 27 13.67 22.68 -4.13
N GLU B 28 14.96 23.00 -3.96
CA GLU B 28 15.37 23.98 -2.93
C GLU B 28 14.70 25.32 -3.16
N GLU B 29 14.59 25.75 -4.43
CA GLU B 29 13.93 27.02 -4.73
C GLU B 29 12.45 26.96 -4.40
N ALA B 30 11.78 25.86 -4.73
CA ALA B 30 10.36 25.73 -4.42
C ALA B 30 10.12 25.75 -2.92
N LEU B 31 10.94 25.02 -2.16
CA LEU B 31 10.77 24.99 -0.71
C LEU B 31 11.02 26.35 -0.08
N VAL B 32 12.05 27.06 -0.54
CA VAL B 32 12.27 28.43 -0.09
C VAL B 32 11.06 29.29 -0.41
N GLU B 33 10.54 29.15 -1.64
CA GLU B 33 9.34 29.89 -2.01
C GLU B 33 8.15 29.48 -1.15
N GLU B 34 8.02 28.19 -0.86
CA GLU B 34 6.87 27.76 -0.10
C GLU B 34 6.94 28.24 1.34
N GLU B 35 8.13 28.22 1.94
CA GLU B 35 8.30 28.75 3.29
C GLU B 35 7.91 30.22 3.38
N LYS B 36 8.03 30.95 2.27
CA LYS B 36 7.67 32.37 2.28
C LYS B 36 6.19 32.60 1.98
N THR B 37 5.61 31.81 1.08
CA THR B 37 4.23 32.00 0.61
C THR B 37 3.20 31.10 1.27
N GLY B 38 3.60 29.94 1.78
CA GLY B 38 2.63 29.03 2.37
C GLY B 38 1.84 28.23 1.37
N ASP B 39 2.22 28.27 0.09
CA ASP B 39 1.65 27.44 -0.95
C ASP B 39 1.95 25.98 -0.68
N LEU B 40 1.25 25.08 -1.38
CA LEU B 40 1.63 23.68 -1.34
C LEU B 40 2.79 23.44 -2.29
N LEU B 41 3.69 22.52 -1.90
CA LEU B 41 4.87 22.26 -2.72
C LEU B 41 4.48 21.80 -4.12
N GLY B 42 3.48 20.93 -4.23
CA GLY B 42 3.08 20.44 -5.54
C GLY B 42 2.56 21.53 -6.46
N ARG B 43 1.88 22.53 -5.90
CA ARG B 43 1.34 23.59 -6.74
C ARG B 43 2.46 24.48 -7.28
N ILE B 44 3.51 24.69 -6.49
CA ILE B 44 4.66 25.45 -6.98
C ILE B 44 5.38 24.66 -8.07
N LEU B 45 5.58 23.36 -7.86
CA LEU B 45 6.33 22.55 -8.82
C LEU B 45 5.58 22.42 -10.14
N VAL B 46 4.26 22.28 -10.07
CA VAL B 46 3.44 22.21 -11.27
C VAL B 46 3.55 23.52 -12.04
N ARG B 47 3.41 24.64 -11.32
CA ARG B 47 3.54 25.95 -11.96
C ARG B 47 4.89 26.09 -12.66
N LYS B 48 5.95 25.49 -12.09
CA LYS B 48 7.30 25.55 -12.64
C LYS B 48 7.57 24.49 -13.71
N GLY B 49 6.56 23.71 -14.11
CA GLY B 49 6.71 22.79 -15.23
C GLY B 49 6.52 21.31 -14.91
N LEU B 50 6.17 20.93 -13.68
CA LEU B 50 5.87 19.52 -13.39
C LEU B 50 4.48 19.19 -13.91
N PRO B 51 4.32 18.12 -14.71
CA PRO B 51 2.96 17.72 -15.10
C PRO B 51 2.13 17.39 -13.88
N GLU B 52 0.89 17.89 -13.87
CA GLU B 52 -0.06 17.55 -12.80
C GLU B 52 -0.15 16.05 -12.58
N GLU B 53 -0.10 15.26 -13.67
CA GLU B 53 -0.21 13.80 -13.52
C GLU B 53 0.99 13.23 -12.78
N ALA B 54 2.19 13.76 -13.05
CA ALA B 54 3.36 13.28 -12.33
C ALA B 54 3.29 13.66 -10.87
N LEU B 55 2.77 14.85 -10.57
CA LEU B 55 2.52 15.23 -9.19
C LEU B 55 1.59 14.22 -8.52
N TYR B 56 0.49 13.87 -9.18
CA TYR B 56 -0.50 13.06 -8.52
C TYR B 56 -0.07 11.61 -8.39
N ARG B 57 0.77 11.11 -9.29
CA ARG B 57 1.31 9.77 -9.11
C ARG B 57 2.26 9.72 -7.91
N ALA B 58 3.08 10.77 -7.73
CA ALA B 58 3.97 10.85 -6.57
C ALA B 58 3.17 10.93 -5.27
N LEU B 59 2.14 11.77 -5.23
CA LEU B 59 1.34 11.88 -4.00
C LEU B 59 0.61 10.57 -3.70
N ALA B 60 0.10 9.91 -4.76
CA ALA B 60 -0.51 8.59 -4.59
C ALA B 60 0.48 7.62 -3.95
N GLU B 61 1.68 7.53 -4.52
CA GLU B 61 2.69 6.61 -4.01
C GLU B 61 3.02 6.90 -2.55
N GLN B 62 3.07 8.19 -2.19
CA GLN B 62 3.47 8.59 -0.84
C GLN B 62 2.43 8.17 0.20
N LYS B 63 1.14 8.32 -0.10
CA LYS B 63 0.07 7.97 0.82
C LYS B 63 -0.49 6.56 0.57
N GLY B 64 0.18 5.76 -0.26
CA GLY B 64 -0.27 4.40 -0.51
C GLY B 64 -1.58 4.31 -1.25
N LEU B 65 -1.79 5.19 -2.24
CA LEU B 65 -2.99 5.21 -3.05
C LEU B 65 -2.65 4.76 -4.46
N GLU B 66 -3.66 4.28 -5.17
CA GLU B 66 -3.52 3.99 -6.60
C GLU B 66 -4.02 5.19 -7.40
N PHE B 67 -3.11 5.80 -8.16
CA PHE B 67 -3.53 6.87 -9.06
C PHE B 67 -4.35 6.27 -10.19
N LEU B 68 -5.45 6.92 -10.52
CA LEU B 68 -6.28 6.55 -11.64
C LEU B 68 -6.02 7.54 -12.77
N GLU B 69 -5.56 7.02 -13.91
CA GLU B 69 -5.29 7.88 -15.05
C GLU B 69 -6.56 8.45 -15.65
N SER B 70 -7.70 7.80 -15.41
CA SER B 70 -8.96 8.22 -15.99
C SER B 70 -10.08 7.53 -15.24
N THR B 71 -11.23 8.20 -15.19
CA THR B 71 -12.43 7.66 -14.57
C THR B 71 -13.54 7.41 -15.57
N GLU B 72 -13.26 7.55 -16.88
CA GLU B 72 -14.33 7.55 -17.87
C GLU B 72 -14.99 6.19 -18.03
N GLY B 73 -14.28 5.11 -17.73
CA GLY B 73 -14.87 3.80 -17.87
C GLY B 73 -15.62 3.30 -16.66
N ILE B 74 -15.53 4.02 -15.54
CA ILE B 74 -16.08 3.54 -14.28
C ILE B 74 -17.59 3.74 -14.29
N VAL B 75 -18.33 2.68 -13.97
CA VAL B 75 -19.75 2.76 -13.69
C VAL B 75 -19.92 2.66 -12.18
N PRO B 76 -20.26 3.74 -11.48
CA PRO B 76 -20.36 3.66 -10.02
C PRO B 76 -21.46 2.69 -9.62
N ASP B 77 -21.14 1.84 -8.66
CA ASP B 77 -22.11 0.89 -8.11
C ASP B 77 -23.00 1.61 -7.11
N PRO B 78 -24.31 1.71 -7.36
CA PRO B 78 -25.16 2.45 -6.41
C PRO B 78 -25.13 1.88 -4.99
N SER B 79 -24.90 0.57 -4.82
CA SER B 79 -24.77 0.00 -3.49
C SER B 79 -23.57 0.57 -2.75
N ALA B 80 -22.50 0.88 -3.47
CA ALA B 80 -21.33 1.49 -2.84
C ALA B 80 -21.58 2.96 -2.53
N ALA B 81 -22.23 3.67 -3.45
CA ALA B 81 -22.46 5.10 -3.24
C ALA B 81 -23.32 5.36 -1.99
N LEU B 82 -24.18 4.40 -1.63
CA LEU B 82 -24.97 4.49 -0.41
C LEU B 82 -24.11 4.59 0.84
N LEU B 83 -22.85 4.17 0.79
CA LEU B 83 -22.05 4.17 2.02
C LEU B 83 -21.66 5.57 2.48
N LEU B 84 -21.84 6.59 1.65
CA LEU B 84 -21.61 7.98 2.03
C LEU B 84 -22.77 8.82 1.55
N LEU B 85 -23.33 9.65 2.43
CA LEU B 85 -24.26 10.66 1.94
C LEU B 85 -23.55 11.53 0.92
N ARG B 86 -24.32 12.05 -0.05
CA ARG B 86 -23.73 12.90 -1.07
C ARG B 86 -22.95 14.04 -0.45
N SER B 87 -23.51 14.66 0.59
CA SER B 87 -22.85 15.79 1.24
C SER B 87 -21.47 15.41 1.76
N ASP B 88 -21.30 14.16 2.22
CA ASP B 88 -20.00 13.73 2.74
C ASP B 88 -19.04 13.41 1.61
N ALA B 89 -19.51 12.67 0.61
CA ALA B 89 -18.69 12.42 -0.58
C ALA B 89 -18.11 13.71 -1.12
N LEU B 90 -18.89 14.80 -1.06
CA LEU B 90 -18.45 16.08 -1.60
C LEU B 90 -17.43 16.75 -0.68
N ARG B 91 -17.74 16.86 0.62
CA ARG B 91 -16.83 17.57 1.51
C ARG B 91 -15.58 16.76 1.80
N TYR B 92 -15.67 15.43 1.82
CA TYR B 92 -14.48 14.62 1.99
C TYR B 92 -13.76 14.35 0.68
N GLY B 93 -14.36 14.69 -0.46
CA GLY B 93 -13.74 14.40 -1.75
C GLY B 93 -13.54 12.91 -1.95
N ALA B 94 -14.58 12.11 -1.71
CA ALA B 94 -14.47 10.65 -1.75
C ALA B 94 -15.66 10.07 -2.49
N VAL B 95 -15.40 9.25 -3.50
CA VAL B 95 -16.49 8.60 -4.24
C VAL B 95 -16.38 7.08 -4.11
N PRO B 96 -17.23 6.42 -3.32
CA PRO B 96 -17.27 4.95 -3.34
C PRO B 96 -17.87 4.50 -4.66
N ILE B 97 -17.15 3.63 -5.36
CA ILE B 97 -17.50 3.24 -6.72
C ILE B 97 -17.86 1.77 -6.86
N GLY B 98 -17.57 0.94 -5.87
CA GLY B 98 -17.78 -0.49 -6.04
C GLY B 98 -17.07 -1.26 -4.96
N PHE B 99 -16.99 -2.58 -5.16
CA PHE B 99 -16.50 -3.50 -4.15
C PHE B 99 -15.57 -4.53 -4.79
N GLN B 100 -14.55 -4.93 -4.04
CA GLN B 100 -13.65 -5.97 -4.49
C GLN B 100 -13.17 -6.74 -3.26
N ASN B 101 -13.44 -8.03 -3.23
CA ASN B 101 -13.00 -8.90 -2.13
C ASN B 101 -13.37 -8.34 -0.77
N GLY B 102 -14.59 -7.82 -0.65
CA GLY B 102 -15.00 -7.32 0.64
C GLY B 102 -14.41 -6.00 1.05
N GLU B 103 -13.75 -5.30 0.13
CA GLU B 103 -13.32 -3.93 0.35
C GLU B 103 -14.16 -3.02 -0.53
N VAL B 104 -14.44 -1.83 -0.04
CA VAL B 104 -15.12 -0.82 -0.85
C VAL B 104 -14.07 0.02 -1.56
N GLU B 105 -14.24 0.23 -2.86
CA GLU B 105 -13.30 1.01 -3.66
C GLU B 105 -13.70 2.47 -3.61
N VAL B 106 -12.74 3.35 -3.31
CA VAL B 106 -13.05 4.74 -3.00
C VAL B 106 -12.05 5.63 -3.72
N VAL B 107 -12.55 6.57 -4.51
CA VAL B 107 -11.70 7.47 -5.29
C VAL B 107 -11.64 8.83 -4.58
N LEU B 108 -10.44 9.22 -4.15
CA LEU B 108 -10.23 10.48 -3.45
C LEU B 108 -9.85 11.58 -4.41
N SER B 109 -10.24 12.81 -4.06
CA SER B 109 -9.82 14.00 -4.79
C SER B 109 -8.50 14.57 -4.29
N ASP B 110 -8.06 14.19 -3.08
CA ASP B 110 -6.90 14.75 -2.40
C ASP B 110 -6.31 13.68 -1.48
N PRO B 111 -5.04 13.32 -1.64
CA PRO B 111 -4.46 12.30 -0.75
C PRO B 111 -4.49 12.68 0.72
N ARG B 112 -4.59 13.98 1.01
CA ARG B 112 -4.61 14.40 2.40
C ARG B 112 -5.88 13.98 3.13
N HIS B 113 -6.93 13.65 2.40
CA HIS B 113 -8.19 13.25 3.00
C HIS B 113 -8.26 11.74 3.28
N LYS B 114 -7.21 10.99 2.96
CA LYS B 114 -7.30 9.54 3.04
C LYS B 114 -7.66 9.07 4.46
N GLU B 115 -6.96 9.60 5.46
CA GLU B 115 -7.17 9.11 6.82
C GLU B 115 -8.56 9.49 7.32
N ALA B 116 -9.00 10.73 7.07
CA ALA B 116 -10.33 11.13 7.55
C ALA B 116 -11.42 10.26 6.94
N VAL B 117 -11.29 9.95 5.65
CA VAL B 117 -12.28 9.09 4.98
C VAL B 117 -12.18 7.66 5.49
N ALA B 118 -10.95 7.15 5.64
CA ALA B 118 -10.77 5.78 6.12
C ALA B 118 -11.44 5.58 7.48
N GLN B 119 -11.32 6.57 8.37
CA GLN B 119 -11.95 6.46 9.68
C GLN B 119 -13.47 6.47 9.57
N LEU B 120 -14.01 7.37 8.76
CA LEU B 120 -15.46 7.49 8.61
C LEU B 120 -16.07 6.24 7.97
N LEU B 121 -15.38 5.62 7.01
CA LEU B 121 -15.91 4.44 6.35
C LEU B 121 -15.95 3.26 7.30
N ASN B 122 -14.93 3.13 8.15
CA ASN B 122 -14.92 2.15 9.23
C ASN B 122 -15.01 0.72 8.70
N ARG B 123 -14.40 0.46 7.55
CA ARG B 123 -14.45 -0.87 6.95
C ARG B 123 -13.29 -0.98 5.95
N PRO B 124 -12.86 -2.20 5.63
CA PRO B 124 -11.84 -2.38 4.59
C PRO B 124 -12.16 -1.60 3.33
N ALA B 125 -11.16 -0.87 2.84
CA ALA B 125 -11.32 0.03 1.71
C ALA B 125 -10.04 0.02 0.88
N ARG B 126 -10.21 0.18 -0.43
CA ARG B 126 -9.10 0.35 -1.35
C ARG B 126 -9.20 1.75 -1.93
N PHE B 127 -8.15 2.55 -1.71
CA PHE B 127 -8.20 3.98 -2.02
C PHE B 127 -7.47 4.28 -3.33
N TYR B 128 -8.09 5.12 -4.15
CA TYR B 128 -7.56 5.60 -5.41
C TYR B 128 -7.52 7.12 -5.35
N LEU B 129 -6.74 7.71 -6.27
CA LEU B 129 -6.66 9.15 -6.40
C LEU B 129 -6.91 9.52 -7.85
N ALA B 130 -7.67 10.59 -8.08
CA ALA B 130 -7.87 11.09 -9.44
C ALA B 130 -7.73 12.60 -9.46
N LEU B 131 -7.24 13.11 -10.59
CA LEU B 131 -7.12 14.54 -10.83
C LEU B 131 -8.49 15.22 -10.75
N PRO B 132 -8.50 16.55 -10.57
CA PRO B 132 -9.77 17.24 -10.29
C PRO B 132 -10.89 16.98 -11.29
N GLN B 133 -10.65 17.13 -12.59
CA GLN B 133 -11.74 16.98 -13.55
C GLN B 133 -12.24 15.53 -13.59
N ALA B 134 -11.32 14.57 -13.67
CA ALA B 134 -11.72 13.16 -13.63
C ALA B 134 -12.49 12.85 -12.34
N TRP B 135 -12.09 13.46 -11.22
CA TRP B 135 -12.80 13.20 -9.97
C TRP B 135 -14.21 13.78 -10.00
N GLU B 136 -14.33 15.05 -10.40
CA GLU B 136 -15.64 15.68 -10.45
C GLU B 136 -16.58 14.97 -11.41
N GLU B 137 -16.07 14.50 -12.56
CA GLU B 137 -16.91 13.75 -13.49
C GLU B 137 -17.49 12.51 -12.83
N LEU B 138 -16.64 11.75 -12.14
CA LEU B 138 -17.11 10.53 -11.50
C LEU B 138 -18.03 10.83 -10.31
N PHE B 139 -17.78 11.93 -9.60
CA PHE B 139 -18.66 12.29 -8.48
C PHE B 139 -20.08 12.58 -8.96
N ARG B 140 -20.22 13.34 -10.06
CA ARG B 140 -21.55 13.61 -10.58
C ARG B 140 -22.22 12.34 -11.08
N ARG B 141 -21.44 11.41 -11.65
CA ARG B 141 -22.00 10.16 -12.14
C ARG B 141 -22.47 9.28 -10.99
N ALA B 142 -21.77 9.30 -9.86
CA ALA B 142 -22.16 8.49 -8.70
C ALA B 142 -23.21 9.18 -7.85
N TYR B 143 -23.25 10.50 -7.85
CA TYR B 143 -24.15 11.27 -6.97
C TYR B 143 -24.90 12.32 -7.77
N PRO B 144 -25.85 11.90 -8.63
CA PRO B 144 -26.59 12.88 -9.45
C PRO B 144 -27.42 13.84 -8.60
N GLN B 145 -28.04 14.82 -9.25
CA GLN B 145 -28.70 15.95 -8.58
C GLN B 145 -27.69 16.77 -7.80
P1 C2E C . -2.17 -15.63 -5.96
O2P C2E C . -0.85 -15.08 -6.41
O1P C2E C . -3.08 -14.48 -6.20
O5' C2E C . -2.66 -16.88 -6.89
C5' C2E C . -3.85 -17.59 -6.50
C4' C2E C . -3.73 -18.98 -7.20
O4' C2E C . -3.53 -18.75 -8.46
C3' C2E C . -2.46 -19.69 -6.71
O3' C2E C . -2.87 -20.53 -5.73
C2' C2E C . -1.94 -20.46 -7.98
O2' C2E C . -2.58 -21.82 -7.93
C1' C2E C . -2.49 -19.87 -9.00
N9 C2E C . -1.71 -19.14 -9.98
C8 C2E C . -0.86 -18.46 -9.17
N7 C2E C . -0.08 -17.67 -9.96
C5 C2E C . -0.47 -17.84 -11.24
C6 C2E C . -0.03 -17.28 -12.61
O6 C2E C . 0.83 -16.49 -12.72
N1 C2E C . -0.68 -17.70 -13.79
C2 C2E C . -1.76 -18.65 -13.73
N2 C2E C . -2.46 -19.11 -14.91
N3 C2E C . -2.16 -19.17 -12.45
C4 C2E C . -1.48 -18.74 -11.23
P11 C2E C . -1.61 -20.90 -4.60
O21 C2E C . -0.37 -21.51 -5.22
O11 C2E C . -2.19 -21.86 -3.60
O5A C2E C . -1.31 -19.36 -3.84
C5A C2E C . -2.26 -18.94 -2.87
C4A C2E C . -1.75 -17.59 -2.41
O4A C2E C . -0.78 -17.72 -1.56
C3A C2E C . -1.13 -16.74 -3.70
O3A C2E C . -2.29 -15.93 -4.26
C2A C2E C . -0.18 -16.03 -3.27
O2A C2E C . -0.61 -14.73 -2.66
C1A C2E C . 0.38 -16.84 -2.01
N91 C2E C . 1.39 -17.64 -2.32
C81 C2E C . 1.69 -18.37 -3.44
N71 C2E C . 2.84 -19.06 -3.16
C51 C2E C . 3.21 -18.76 -1.91
C61 C2E C . 4.40 -19.22 -1.07
O61 C2E C . 5.18 -19.97 -1.51
N11 C2E C . 4.54 -18.73 0.29
C21 C2E C . 3.57 -17.80 0.82
N21 C2E C . 3.72 -17.28 2.19
N31 C2E C . 2.44 -17.35 0.01
C41 C2E C . 2.29 -17.88 -1.38
S SO4 D . 0.58 -23.65 3.76
O1 SO4 D . -0.43 -23.26 2.79
O2 SO4 D . 1.47 -22.52 3.98
O3 SO4 D . -0.06 -24.01 5.02
O4 SO4 D . 1.36 -24.77 3.26
S SO4 E . 14.03 -17.52 23.65
O1 SO4 E . 13.05 -16.54 23.17
O2 SO4 E . 14.55 -17.06 24.95
O3 SO4 E . 13.40 -18.82 23.81
O4 SO4 E . 15.13 -17.60 22.70
C ACY F . -2.70 -0.38 3.28
O ACY F . -2.77 0.79 3.79
OXT ACY F . -3.51 -1.36 3.40
CH3 ACY F . -1.44 -0.65 2.37
C ACY G . 10.17 -27.96 -0.05
O ACY G . 9.74 -26.76 -0.13
OXT ACY G . 9.60 -29.03 -0.43
CH3 ACY G . 11.59 -28.15 0.59
P1 C2E H . 4.74 15.98 2.62
O2P C2E H . 5.25 15.65 1.25
O1P C2E H . 5.03 14.72 3.39
O5' C2E H . 5.64 17.07 3.42
C5' C2E H . 4.97 17.89 4.41
C4' C2E H . 5.78 19.23 4.38
O4' C2E H . 7.03 18.92 4.22
C3' C2E H . 5.40 20.00 3.11
O3' C2E H . 4.44 20.88 3.44
C2' C2E H . 6.73 20.71 2.72
O2' C2E H . 6.70 22.07 3.36
C1' C2E H . 7.68 20.06 3.29
N9 C2E H . 8.73 19.42 2.50
C8 C2E H . 7.93 18.85 1.55
N7 C2E H . 8.73 18.16 0.69
C5 C2E H . 10.01 18.28 1.12
C6 C2E H . 11.38 17.77 0.65
O6 C2E H . 11.50 17.08 -0.32
N1 C2E H . 12.57 18.10 1.36
C2 C2E H . 12.49 18.92 2.56
N2 C2E H . 13.66 19.28 3.32
N3 C2E H . 11.20 19.40 2.99
C4 C2E H . 9.97 19.05 2.25
P11 C2E H . 3.38 21.20 2.12
O21 C2E H . 4.03 21.85 0.92
O11 C2E H . 2.29 22.11 2.58
O5A C2E H . 2.69 19.61 1.86
C5A C2E H . 1.60 19.27 2.74
C4A C2E H . 1.12 17.93 2.28
O4A C2E H . 0.25 18.08 1.32
C3A C2E H . 2.38 17.04 1.66
O3A C2E H . 3.03 16.22 2.78
C2A C2E H . 1.89 16.35 0.76
O2A C2E H . 1.41 14.99 1.26
C1A C2E H . 0.59 17.16 0.19
N91 C2E H . 0.85 17.89 -0.87
C81 C2E H . 1.99 18.50 -1.29
N71 C2E H . 1.70 19.17 -2.43
C51 C2E H . 0.42 18.98 -2.72
C61 C2E H . -0.44 19.49 -3.89
O61 C2E H . 0.04 20.16 -4.73
N11 C2E H . -1.82 19.14 -3.94
C21 C2E H . -2.40 18.31 -2.92
N21 C2E H . -3.84 17.95 -3.00
N31 C2E H . -1.58 17.80 -1.80
C41 C2E H . -0.14 18.18 -1.73
S SO4 I . 6.53 8.78 -13.25
O1 SO4 I . 5.81 9.99 -12.83
O2 SO4 I . 7.97 9.05 -13.16
O3 SO4 I . 6.19 7.64 -12.40
O4 SO4 I . 6.15 8.44 -14.62
S SO4 J . -5.61 23.78 0.56
O1 SO4 J . -6.80 23.64 1.39
O2 SO4 J . -5.67 25.05 -0.18
O3 SO4 J . -4.43 23.73 1.42
O4 SO4 J . -5.56 22.69 -0.40
S SO4 K . -4.58 20.42 -5.98
O1 SO4 K . -5.87 20.57 -5.31
O2 SO4 K . -3.84 21.69 -5.93
O3 SO4 K . -3.81 19.39 -5.30
O4 SO4 K . -4.80 20.07 -7.38
S SO4 L . -25.53 16.73 -11.93
O1 SO4 L . -26.81 17.35 -12.28
O2 SO4 L . -25.02 17.36 -10.71
O3 SO4 L . -25.73 15.30 -11.69
O4 SO4 L . -24.58 16.92 -13.01
C ACY M . -15.02 3.26 -21.77
O ACY M . -14.86 4.52 -21.84
OXT ACY M . -16.03 2.62 -21.33
CH3 ACY M . -13.82 2.38 -22.28
C ACY N . 8.27 30.95 -11.97
O ACY N . 8.83 31.39 -10.92
OXT ACY N . 7.04 30.96 -12.29
CH3 ACY N . 9.23 30.28 -13.01
#